data_3ZQC
#
_entry.id   3ZQC
#
_cell.length_a   45.810
_cell.length_b   71.770
_cell.length_c   87.820
_cell.angle_alpha   94.68
_cell.angle_beta   97.84
_cell.angle_gamma   99.28
#
_symmetry.space_group_name_H-M   'P 1'
#
loop_
_entity.id
_entity.type
_entity.pdbx_description
1 polymer MYB3
2 polymer MRE-1
3 polymer MRE-1
4 water water
#
loop_
_entity_poly.entity_id
_entity_poly.type
_entity_poly.pdbx_seq_one_letter_code
_entity_poly.pdbx_strand_id
1 'polypeptide(L)'
;MKGPFTEAEDDLIREYVKENGPQNWPRITSFLPNRSPKQCRERWFNHLDPAVVKHAWTPEEDETIFRNYLKLGSKWSVIA
KLIPGRTDNAIKNRWNSSISKRISTNSNHKEILLPDRSKKRKAADVPKKLE
;
A,D,G,J
2 'polydeoxyribonucleotide' (DA)(DA)(DG)(DA)(DT)(DA)(DA)(DC)(DG)(DA)(DT)(DA)(DT)(DT)(DT)(DA) B,E,H,K
3 'polydeoxyribonucleotide' (DT)(DA)(DA)(DA)(DT)(DA)(DT)(DC)(DG)(DT)(DT)(DA)(DT)(DC)(DT)(DT) C,F,I,L
#
# COMPACT_ATOMS: atom_id res chain seq x y z
N MET A 1 -20.34 1.95 28.19
CA MET A 1 -19.81 2.78 29.31
C MET A 1 -20.22 4.24 29.17
N LYS A 2 -20.33 4.93 30.29
CA LYS A 2 -20.71 6.33 30.26
C LYS A 2 -19.81 7.03 31.23
N GLY A 3 -19.87 8.36 31.27
CA GLY A 3 -19.03 9.09 32.20
C GLY A 3 -17.63 9.33 31.70
N PRO A 4 -16.87 10.19 32.39
CA PRO A 4 -15.50 10.56 32.05
C PRO A 4 -14.58 9.44 31.62
N PHE A 5 -13.73 9.75 30.65
CA PHE A 5 -12.77 8.81 30.11
C PHE A 5 -11.58 8.59 30.99
N THR A 6 -11.01 7.39 30.83
CA THR A 6 -9.83 6.94 31.55
C THR A 6 -8.62 7.20 30.65
N GLU A 7 -7.43 7.36 31.23
CA GLU A 7 -6.25 7.60 30.40
C GLU A 7 -6.01 6.39 29.51
N ALA A 8 -6.49 5.22 29.94
CA ALA A 8 -6.35 4.01 29.14
C ALA A 8 -7.17 4.24 27.86
N GLU A 9 -8.43 4.66 28.05
CA GLU A 9 -9.35 4.97 26.95
C GLU A 9 -8.73 5.99 25.99
N ASP A 10 -8.33 7.14 26.53
CA ASP A 10 -7.71 8.20 25.75
C ASP A 10 -6.63 7.61 24.84
N ASP A 11 -6.01 6.53 25.31
CA ASP A 11 -4.97 5.89 24.52
C ASP A 11 -5.49 5.14 23.31
N LEU A 12 -6.59 4.40 23.48
CA LEU A 12 -7.15 3.67 22.34
C LEU A 12 -7.51 4.66 21.25
N ILE A 13 -8.10 5.78 21.64
CA ILE A 13 -8.47 6.80 20.68
C ILE A 13 -7.22 7.23 19.90
N ARG A 14 -6.26 7.81 20.62
CA ARG A 14 -5.00 8.28 20.02
C ARG A 14 -4.42 7.25 19.05
N GLU A 15 -4.63 5.97 19.37
CA GLU A 15 -4.15 4.90 18.52
C GLU A 15 -4.99 4.89 17.23
N TYR A 16 -6.30 4.70 17.40
CA TYR A 16 -7.23 4.66 16.28
C TYR A 16 -6.92 5.74 15.26
N VAL A 17 -6.98 6.99 15.73
CA VAL A 17 -6.71 8.17 14.90
C VAL A 17 -5.35 8.08 14.25
N LYS A 18 -4.30 8.08 15.07
CA LYS A 18 -2.93 7.97 14.59
C LYS A 18 -2.92 6.94 13.44
N GLU A 19 -3.60 5.81 13.71
CA GLU A 19 -3.73 4.67 12.79
C GLU A 19 -4.60 4.89 11.53
N ASN A 20 -5.90 5.13 11.76
CA ASN A 20 -6.85 5.34 10.67
C ASN A 20 -7.19 6.80 10.39
N GLY A 21 -7.16 7.64 11.42
CA GLY A 21 -7.48 9.04 11.23
C GLY A 21 -8.63 9.41 12.14
N PRO A 22 -9.10 10.66 12.10
CA PRO A 22 -10.22 10.97 12.99
C PRO A 22 -11.55 10.95 12.28
N GLN A 23 -11.78 10.01 11.37
CA GLN A 23 -13.08 10.04 10.71
C GLN A 23 -13.98 8.83 10.70
N ASN A 24 -13.49 7.66 10.33
CA ASN A 24 -14.42 6.56 10.27
C ASN A 24 -14.75 6.02 11.64
N TRP A 25 -15.34 6.94 12.38
CA TRP A 25 -15.79 6.82 13.75
C TRP A 25 -16.69 5.65 14.11
N PRO A 26 -17.42 5.08 13.15
CA PRO A 26 -18.25 3.97 13.61
C PRO A 26 -17.34 2.80 13.83
N ARG A 27 -16.43 2.58 12.88
CA ARG A 27 -15.57 1.43 13.04
C ARG A 27 -14.40 1.60 14.00
N ILE A 28 -14.66 2.38 15.06
CA ILE A 28 -13.69 2.54 16.14
C ILE A 28 -14.26 1.69 17.27
N THR A 29 -15.20 0.82 16.92
CA THR A 29 -15.80 -0.09 17.88
C THR A 29 -14.80 -1.25 17.96
N SER A 30 -13.86 -1.23 17.02
CA SER A 30 -12.78 -2.20 16.92
C SER A 30 -11.92 -2.04 18.17
N PHE A 31 -12.00 -0.85 18.76
CA PHE A 31 -11.30 -0.55 20.00
C PHE A 31 -12.41 -0.06 20.91
N LEU A 32 -12.18 -0.11 22.22
CA LEU A 32 -13.18 0.39 23.17
C LEU A 32 -14.58 -0.04 22.72
N PRO A 33 -14.89 -1.34 22.87
CA PRO A 33 -16.19 -1.89 22.48
C PRO A 33 -17.33 -1.35 23.34
N ASN A 34 -16.97 -0.70 24.44
CA ASN A 34 -17.95 -0.15 25.38
C ASN A 34 -18.25 1.34 25.18
N ARG A 35 -17.66 1.97 24.17
CA ARG A 35 -17.88 3.39 23.96
C ARG A 35 -18.33 3.77 22.53
N SER A 36 -19.50 4.41 22.45
CA SER A 36 -20.12 4.88 21.20
C SER A 36 -19.14 5.63 20.26
N PRO A 37 -19.33 5.53 18.94
CA PRO A 37 -18.40 6.27 18.09
C PRO A 37 -18.62 7.72 18.50
N LYS A 38 -19.91 8.07 18.58
CA LYS A 38 -20.37 9.39 18.96
C LYS A 38 -19.49 9.98 20.08
N GLN A 39 -19.50 9.33 21.23
CA GLN A 39 -18.73 9.79 22.38
C GLN A 39 -17.20 9.80 22.22
N CYS A 40 -16.66 8.97 21.32
CA CYS A 40 -15.22 8.94 21.13
C CYS A 40 -14.83 10.14 20.27
N ARG A 41 -15.53 10.33 19.16
CA ARG A 41 -15.28 11.47 18.28
C ARG A 41 -15.18 12.70 19.17
N GLU A 42 -16.24 12.94 19.93
CA GLU A 42 -16.32 14.08 20.85
C GLU A 42 -15.10 14.25 21.75
N ARG A 43 -14.59 13.14 22.29
CA ARG A 43 -13.42 13.19 23.15
C ARG A 43 -12.22 13.71 22.39
N TRP A 44 -12.09 13.28 21.15
CA TRP A 44 -10.99 13.72 20.33
C TRP A 44 -11.08 15.21 20.04
N PHE A 45 -12.03 15.58 19.18
CA PHE A 45 -12.22 16.98 18.81
C PHE A 45 -12.21 18.00 19.94
N ASN A 46 -12.89 17.70 21.04
CA ASN A 46 -12.96 18.64 22.15
C ASN A 46 -11.88 18.50 23.22
N HIS A 47 -11.38 17.30 23.43
CA HIS A 47 -10.41 17.12 24.50
C HIS A 47 -9.05 16.51 24.23
N LEU A 48 -8.93 15.67 23.21
CA LEU A 48 -7.66 15.00 22.91
C LEU A 48 -6.74 15.64 21.87
N ASP A 49 -7.35 16.13 20.80
CA ASP A 49 -6.65 16.76 19.68
C ASP A 49 -5.51 17.70 20.06
N PRO A 50 -4.46 17.77 19.21
CA PRO A 50 -3.31 18.64 19.46
C PRO A 50 -3.76 20.09 19.54
N ALA A 51 -4.68 20.46 18.66
CA ALA A 51 -5.17 21.84 18.59
C ALA A 51 -5.94 22.40 19.77
N VAL A 52 -6.54 21.55 20.60
CA VAL A 52 -7.28 22.09 21.74
C VAL A 52 -6.30 22.89 22.59
N VAL A 53 -6.72 24.05 23.05
CA VAL A 53 -5.83 24.89 23.85
C VAL A 53 -6.08 24.65 25.34
N LYS A 54 -5.03 24.78 26.16
CA LYS A 54 -5.14 24.51 27.58
C LYS A 54 -4.97 25.68 28.55
N HIS A 55 -4.46 26.81 28.08
CA HIS A 55 -4.28 27.96 28.97
C HIS A 55 -5.60 28.56 29.40
N ALA A 56 -5.60 29.24 30.53
CA ALA A 56 -6.81 29.86 31.05
C ALA A 56 -7.41 30.84 30.06
N TRP A 57 -8.55 31.40 30.42
CA TRP A 57 -9.20 32.33 29.53
C TRP A 57 -8.67 33.74 29.59
N THR A 58 -8.04 34.15 28.48
CA THR A 58 -7.49 35.49 28.33
C THR A 58 -8.74 36.37 28.19
N PRO A 59 -8.75 37.56 28.80
CA PRO A 59 -9.93 38.44 28.69
C PRO A 59 -10.17 38.85 27.24
N GLU A 60 -9.15 38.61 26.41
CA GLU A 60 -9.21 38.89 24.99
C GLU A 60 -10.28 37.93 24.50
N GLU A 61 -10.02 36.66 24.74
CA GLU A 61 -10.95 35.62 24.37
C GLU A 61 -12.33 35.99 24.90
N ASP A 62 -12.43 36.24 26.20
CA ASP A 62 -13.71 36.60 26.77
C ASP A 62 -14.40 37.67 25.93
N GLU A 63 -13.66 38.72 25.57
CA GLU A 63 -14.21 39.81 24.77
C GLU A 63 -14.78 39.27 23.47
N THR A 64 -13.96 38.55 22.73
CA THR A 64 -14.40 38.00 21.48
C THR A 64 -15.72 37.27 21.61
N ILE A 65 -15.76 36.24 22.44
CA ILE A 65 -16.97 35.44 22.66
C ILE A 65 -18.15 36.35 22.94
N PHE A 66 -17.92 37.33 23.79
CA PHE A 66 -18.96 38.27 24.15
C PHE A 66 -19.42 39.03 22.92
N ARG A 67 -18.52 39.80 22.33
CA ARG A 67 -18.85 40.61 21.18
C ARG A 67 -19.67 39.93 20.10
N ASN A 68 -19.43 38.65 19.85
CA ASN A 68 -20.18 37.94 18.82
C ASN A 68 -21.52 37.44 19.36
N TYR A 69 -21.56 37.09 20.64
CA TYR A 69 -22.81 36.61 21.20
C TYR A 69 -23.84 37.71 21.02
N LEU A 70 -23.40 38.94 21.14
CA LEU A 70 -24.31 40.06 21.03
C LEU A 70 -24.86 40.21 19.64
N LYS A 71 -23.99 40.03 18.65
CA LYS A 71 -24.39 40.16 17.26
C LYS A 71 -25.01 38.85 16.79
N LEU A 72 -24.23 37.77 16.85
CA LEU A 72 -24.71 36.44 16.48
C LEU A 72 -25.47 35.94 17.69
N GLY A 73 -26.12 34.79 17.56
CA GLY A 73 -26.84 34.28 18.72
C GLY A 73 -25.92 33.36 19.52
N SER A 74 -26.38 32.15 19.77
CA SER A 74 -25.60 31.15 20.49
C SER A 74 -25.13 30.21 19.39
N LYS A 75 -24.56 30.81 18.35
CA LYS A 75 -24.04 30.10 17.20
C LYS A 75 -22.55 29.78 17.49
N TRP A 76 -22.32 28.91 18.48
CA TRP A 76 -20.97 28.56 18.88
C TRP A 76 -20.07 27.92 17.88
N SER A 77 -20.61 27.04 17.03
CA SER A 77 -19.79 26.39 16.02
C SER A 77 -19.10 27.51 15.26
N VAL A 78 -19.83 28.59 15.02
CA VAL A 78 -19.29 29.73 14.30
C VAL A 78 -18.21 30.39 15.13
N ILE A 79 -18.52 30.75 16.37
CA ILE A 79 -17.56 31.41 17.22
C ILE A 79 -16.30 30.60 17.46
N ALA A 80 -16.45 29.28 17.57
CA ALA A 80 -15.30 28.39 17.81
C ALA A 80 -14.34 28.43 16.65
N LYS A 81 -14.79 29.03 15.55
CA LYS A 81 -14.00 29.18 14.34
C LYS A 81 -13.29 30.53 14.37
N LEU A 82 -13.65 31.38 15.34
CA LEU A 82 -13.05 32.70 15.44
C LEU A 82 -11.99 32.79 16.51
N ILE A 83 -11.99 31.83 17.43
CA ILE A 83 -11.01 31.78 18.52
C ILE A 83 -10.20 30.51 18.29
N PRO A 84 -9.01 30.67 17.72
CA PRO A 84 -8.13 29.55 17.41
C PRO A 84 -7.91 28.61 18.59
N GLY A 85 -8.06 27.31 18.35
CA GLY A 85 -7.83 26.34 19.40
C GLY A 85 -8.87 26.12 20.48
N ARG A 86 -9.91 26.95 20.56
CA ARG A 86 -10.94 26.74 21.57
C ARG A 86 -12.14 26.09 20.89
N THR A 87 -12.54 24.93 21.36
CA THR A 87 -13.67 24.24 20.75
C THR A 87 -14.99 24.98 20.93
N ASP A 88 -16.08 24.42 20.40
CA ASP A 88 -17.38 25.07 20.49
C ASP A 88 -18.06 24.82 21.83
N ASN A 89 -17.71 23.71 22.44
CA ASN A 89 -18.29 23.38 23.72
C ASN A 89 -17.57 24.21 24.77
N ALA A 90 -16.27 24.39 24.57
CA ALA A 90 -15.51 25.16 25.51
C ALA A 90 -16.18 26.52 25.64
N ILE A 91 -16.46 27.17 24.51
CA ILE A 91 -17.09 28.49 24.51
C ILE A 91 -18.45 28.46 25.20
N LYS A 92 -19.27 27.48 24.82
CA LYS A 92 -20.60 27.31 25.39
C LYS A 92 -20.49 27.36 26.91
N ASN A 93 -19.43 26.75 27.45
CA ASN A 93 -19.20 26.73 28.89
C ASN A 93 -18.76 28.08 29.43
N ARG A 94 -17.86 28.74 28.70
CA ARG A 94 -17.36 30.03 29.13
C ARG A 94 -18.47 31.04 29.30
N TRP A 95 -19.38 31.05 28.35
CA TRP A 95 -20.48 31.99 28.42
C TRP A 95 -21.52 31.67 29.48
N ASN A 96 -21.93 30.42 29.60
CA ASN A 96 -22.95 30.09 30.57
C ASN A 96 -22.51 30.22 32.02
N SER A 97 -21.25 29.89 32.30
CA SER A 97 -20.76 29.98 33.66
C SER A 97 -20.10 31.29 34.06
N SER A 98 -19.42 31.96 33.12
CA SER A 98 -18.75 33.19 33.48
C SER A 98 -19.21 34.44 32.77
N ILE A 99 -18.98 34.51 31.47
CA ILE A 99 -19.34 35.68 30.68
C ILE A 99 -20.81 36.09 30.73
N SER A 100 -21.70 35.11 30.85
CA SER A 100 -23.12 35.42 30.89
C SER A 100 -23.41 36.35 32.04
N LYS A 101 -22.93 35.98 33.22
CA LYS A 101 -23.19 36.79 34.39
C LYS A 101 -22.16 37.83 34.77
N ARG A 102 -21.87 38.71 33.82
CA ARG A 102 -20.98 39.83 34.04
C ARG A 102 -21.15 40.79 32.88
N ILE A 103 -22.35 40.78 32.30
CA ILE A 103 -22.69 41.70 31.21
C ILE A 103 -23.05 42.96 31.99
N SER A 104 -23.19 44.10 31.30
CA SER A 104 -23.53 45.35 32.01
C SER A 104 -23.84 46.56 31.14
N THR A 105 -24.38 47.61 31.78
CA THR A 105 -24.74 48.87 31.12
C THR A 105 -23.56 49.85 30.91
N ASN A 106 -23.74 50.79 29.99
CA ASN A 106 -22.70 51.76 29.69
C ASN A 106 -23.38 53.14 29.65
N SER A 107 -22.63 54.23 29.56
CA SER A 107 -23.32 55.49 29.50
C SER A 107 -23.58 56.15 28.13
N ASN A 108 -24.04 55.37 27.14
CA ASN A 108 -24.39 55.73 25.77
C ASN A 108 -25.23 54.53 25.47
N HIS A 109 -25.63 53.93 26.62
CA HIS A 109 -26.54 52.84 26.95
C HIS A 109 -26.41 51.50 26.10
N LYS A 110 -25.18 50.91 26.02
CA LYS A 110 -24.85 49.70 25.25
C LYS A 110 -24.05 48.83 26.19
N GLU A 111 -24.51 47.60 26.31
CA GLU A 111 -23.87 46.60 27.13
C GLU A 111 -22.34 46.48 27.06
N ILE A 112 -21.70 46.31 28.22
CA ILE A 112 -20.25 46.15 28.24
C ILE A 112 -19.93 45.01 29.21
N LEU A 113 -18.96 44.18 28.85
CA LEU A 113 -18.55 43.03 29.66
C LEU A 113 -17.62 43.36 30.84
N LEU A 114 -18.09 43.07 32.05
CA LEU A 114 -17.29 43.31 33.23
C LEU A 114 -16.14 42.34 33.21
N PRO A 115 -15.03 42.67 33.89
CA PRO A 115 -13.90 41.76 33.92
C PRO A 115 -14.21 40.78 35.07
N ASP A 116 -13.97 39.49 34.88
CA ASP A 116 -14.29 38.53 35.94
C ASP A 116 -13.49 38.75 37.25
N ARG A 117 -13.99 38.24 38.38
CA ARG A 117 -13.27 38.41 39.64
C ARG A 117 -12.69 37.15 40.27
N SER A 118 -12.85 36.00 39.62
CA SER A 118 -12.32 34.75 40.18
C SER A 118 -10.80 34.77 40.39
N LYS A 119 -10.31 33.95 41.20
N MET D 1 22.97 -29.36 -24.01
CA MET D 1 22.58 -29.19 -25.44
C MET D 1 22.59 -27.72 -25.85
N LYS D 2 23.05 -27.46 -27.07
CA LYS D 2 23.10 -26.08 -27.58
C LYS D 2 22.08 -25.99 -28.71
N GLY D 3 21.55 -24.78 -28.93
CA GLY D 3 20.56 -24.61 -29.98
C GLY D 3 19.14 -24.34 -29.49
N PRO D 4 18.20 -24.08 -30.42
CA PRO D 4 16.79 -23.80 -30.10
C PRO D 4 16.05 -24.83 -29.26
N PHE D 5 15.14 -24.32 -28.44
CA PHE D 5 14.35 -25.14 -27.55
C PHE D 5 13.15 -25.78 -28.20
N THR D 6 13.05 -27.09 -28.00
CA THR D 6 11.96 -27.89 -28.52
C THR D 6 10.78 -27.77 -27.57
N GLU D 7 9.58 -27.95 -28.13
CA GLU D 7 8.36 -27.87 -27.36
C GLU D 7 8.40 -28.70 -26.09
N ALA D 8 8.89 -29.93 -26.19
CA ALA D 8 8.97 -30.74 -24.99
C ALA D 8 9.60 -29.85 -23.91
N GLU D 9 10.88 -29.53 -24.16
CA GLU D 9 11.72 -28.70 -23.27
C GLU D 9 11.00 -27.51 -22.66
N ASP D 10 10.35 -26.72 -23.51
CA ASP D 10 9.63 -25.55 -23.03
C ASP D 10 8.64 -25.95 -21.92
N ASP D 11 8.00 -27.10 -22.11
CA ASP D 11 7.01 -27.57 -21.14
C ASP D 11 7.57 -27.96 -19.77
N LEU D 12 8.80 -28.48 -19.75
CA LEU D 12 9.44 -28.86 -18.50
C LEU D 12 9.66 -27.56 -17.73
N ILE D 13 10.22 -26.57 -18.42
CA ILE D 13 10.47 -25.28 -17.80
C ILE D 13 9.13 -24.78 -17.26
N ARG D 14 8.15 -24.64 -18.16
CA ARG D 14 6.81 -24.19 -17.77
C ARG D 14 6.48 -24.92 -16.48
N GLU D 15 6.97 -26.14 -16.39
CA GLU D 15 6.74 -27.00 -15.25
C GLU D 15 7.60 -26.71 -14.02
N TYR D 16 8.91 -26.54 -14.20
CA TYR D 16 9.77 -26.26 -13.06
C TYR D 16 9.26 -24.98 -12.41
N VAL D 17 8.86 -24.04 -13.27
CA VAL D 17 8.35 -22.73 -12.86
C VAL D 17 7.02 -22.76 -12.14
N LYS D 18 6.05 -23.47 -12.70
CA LYS D 18 4.73 -23.56 -12.06
C LYS D 18 4.87 -24.25 -10.69
N GLU D 19 5.66 -25.32 -10.69
CA GLU D 19 5.92 -26.16 -9.54
C GLU D 19 6.87 -25.58 -8.49
N ASN D 20 7.99 -25.01 -8.92
CA ASN D 20 8.97 -24.45 -8.00
C ASN D 20 9.17 -22.93 -8.04
N GLY D 21 8.94 -22.31 -9.20
CA GLY D 21 9.09 -20.87 -9.33
C GLY D 21 10.15 -20.44 -10.33
N PRO D 22 10.10 -19.19 -10.82
CA PRO D 22 11.13 -18.75 -11.78
C PRO D 22 12.34 -18.19 -11.07
N GLN D 23 12.93 -18.97 -10.17
CA GLN D 23 14.09 -18.46 -9.42
C GLN D 23 15.27 -19.39 -9.10
N ASN D 24 15.07 -20.57 -8.52
CA ASN D 24 16.26 -21.34 -8.20
C ASN D 24 16.75 -22.25 -9.29
N TRP D 25 17.09 -21.61 -10.39
CA TRP D 25 17.54 -22.25 -11.62
C TRP D 25 18.67 -23.29 -11.56
N PRO D 26 19.38 -23.39 -10.44
CA PRO D 26 20.41 -24.43 -10.58
C PRO D 26 19.72 -25.80 -10.51
N ARG D 27 18.82 -25.93 -9.54
CA ARG D 27 18.08 -27.15 -9.34
C ARG D 27 17.17 -27.52 -10.51
N ILE D 28 17.07 -26.69 -11.54
CA ILE D 28 16.21 -27.06 -12.67
C ILE D 28 16.92 -28.13 -13.47
N THR D 29 18.02 -28.63 -12.94
CA THR D 29 18.75 -29.68 -13.60
C THR D 29 17.88 -30.97 -13.48
N SER D 30 16.94 -30.91 -12.53
CA SER D 30 15.98 -32.00 -12.21
C SER D 30 15.06 -32.35 -13.36
N PHE D 31 15.14 -31.55 -14.41
CA PHE D 31 14.37 -31.73 -15.63
C PHE D 31 15.40 -31.13 -16.56
N LEU D 32 15.43 -31.50 -17.83
CA LEU D 32 16.42 -30.90 -18.71
C LEU D 32 17.79 -31.02 -18.04
N PRO D 33 18.36 -32.22 -18.05
CA PRO D 33 19.68 -32.35 -17.41
C PRO D 33 20.75 -31.84 -18.39
N ASN D 34 20.39 -31.82 -19.66
CA ASN D 34 21.27 -31.36 -20.72
C ASN D 34 21.02 -29.91 -21.10
N ARG D 35 20.51 -29.16 -20.14
CA ARG D 35 20.24 -27.77 -20.40
C ARG D 35 20.62 -26.98 -19.14
N SER D 36 21.57 -26.06 -19.31
CA SER D 36 22.08 -25.24 -18.22
C SER D 36 21.00 -24.35 -17.63
N PRO D 37 21.21 -23.89 -16.40
CA PRO D 37 20.22 -23.01 -15.77
C PRO D 37 20.16 -21.75 -16.63
N LYS D 38 21.33 -21.19 -16.95
CA LYS D 38 21.36 -20.01 -17.79
C LYS D 38 20.41 -20.20 -18.96
N GLN D 39 20.61 -21.28 -19.70
CA GLN D 39 19.78 -21.59 -20.86
C GLN D 39 18.28 -21.59 -20.63
N CYS D 40 17.85 -22.02 -19.44
CA CYS D 40 16.43 -22.06 -19.15
C CYS D 40 15.88 -20.71 -18.74
N ARG D 41 16.54 -20.08 -17.77
CA ARG D 41 16.12 -18.77 -17.29
C ARG D 41 15.83 -17.94 -18.54
N GLU D 42 16.87 -17.72 -19.33
CA GLU D 42 16.77 -16.95 -20.55
C GLU D 42 15.61 -17.35 -21.46
N ARG D 43 15.28 -18.63 -21.50
CA ARG D 43 14.19 -19.13 -22.34
C ARG D 43 12.84 -18.66 -21.80
N TRP D 44 12.73 -18.73 -20.49
CA TRP D 44 11.52 -18.33 -19.81
C TRP D 44 11.35 -16.81 -19.77
N PHE D 45 12.31 -16.09 -19.18
CA PHE D 45 12.20 -14.63 -19.08
C PHE D 45 12.03 -13.89 -20.38
N ASN D 46 12.57 -14.43 -21.48
CA ASN D 46 12.46 -13.78 -22.78
C ASN D 46 11.46 -14.36 -23.76
N HIS D 47 11.10 -15.64 -23.61
CA HIS D 47 10.14 -16.21 -24.53
C HIS D 47 8.94 -16.90 -23.94
N LEU D 48 9.16 -17.75 -22.94
CA LEU D 48 8.04 -18.50 -22.35
C LEU D 48 7.08 -17.79 -21.40
N ASP D 49 7.60 -16.88 -20.60
CA ASP D 49 6.82 -16.10 -19.64
C ASP D 49 5.55 -15.51 -20.28
N PRO D 50 4.44 -15.42 -19.51
CA PRO D 50 3.21 -14.86 -20.09
C PRO D 50 3.29 -13.36 -20.31
N ALA D 51 4.06 -12.67 -19.50
CA ALA D 51 4.18 -11.21 -19.61
C ALA D 51 4.85 -10.76 -20.90
N VAL D 52 5.58 -11.68 -21.52
CA VAL D 52 6.29 -11.36 -22.76
C VAL D 52 5.37 -11.30 -23.96
N VAL D 53 5.17 -10.10 -24.49
CA VAL D 53 4.30 -9.92 -25.65
C VAL D 53 5.05 -10.22 -26.98
N LYS D 54 4.32 -10.53 -28.05
CA LYS D 54 4.96 -10.83 -29.35
C LYS D 54 4.31 -10.16 -30.59
N HIS D 55 3.36 -9.27 -30.38
CA HIS D 55 2.71 -8.59 -31.50
C HIS D 55 3.68 -7.61 -32.16
N ALA D 56 3.60 -7.47 -33.49
CA ALA D 56 4.48 -6.58 -34.23
C ALA D 56 4.87 -5.33 -33.45
N TRP D 57 6.02 -4.77 -33.82
CA TRP D 57 6.49 -3.57 -33.15
C TRP D 57 5.62 -2.39 -33.56
N THR D 58 4.93 -1.80 -32.59
CA THR D 58 4.09 -0.64 -32.89
C THR D 58 5.10 0.48 -33.05
N PRO D 59 4.73 1.57 -33.74
CA PRO D 59 5.66 2.68 -33.91
C PRO D 59 5.75 3.45 -32.61
N GLU D 60 4.78 3.20 -31.73
CA GLU D 60 4.82 3.86 -30.43
C GLU D 60 5.99 3.17 -29.74
N GLU D 61 5.98 1.84 -29.78
CA GLU D 61 7.05 1.08 -29.18
C GLU D 61 8.36 1.58 -29.77
N ASP D 62 8.43 1.62 -31.09
CA ASP D 62 9.65 2.09 -31.73
C ASP D 62 10.01 3.48 -31.19
N GLU D 63 9.04 4.36 -31.07
CA GLU D 63 9.31 5.71 -30.58
C GLU D 63 10.00 5.67 -29.21
N THR D 64 9.39 4.98 -28.26
CA THR D 64 9.95 4.87 -26.91
C THR D 64 11.37 4.34 -26.86
N ILE D 65 11.63 3.29 -27.66
CA ILE D 65 12.95 2.69 -27.71
C ILE D 65 13.92 3.69 -28.28
N PHE D 66 13.49 4.34 -29.34
CA PHE D 66 14.32 5.32 -30.00
C PHE D 66 14.62 6.48 -29.07
N ARG D 67 13.63 7.28 -28.75
CA ARG D 67 13.87 8.42 -27.88
C ARG D 67 14.73 8.11 -26.69
N ASN D 68 14.54 6.93 -26.10
CA ASN D 68 15.31 6.56 -24.92
C ASN D 68 16.75 6.15 -25.21
N TYR D 69 17.05 5.83 -26.45
CA TYR D 69 18.41 5.43 -26.82
C TYR D 69 19.28 6.65 -27.10
N LEU D 70 18.67 7.75 -27.52
CA LEU D 70 19.42 8.95 -27.80
C LEU D 70 19.75 9.60 -26.48
N LYS D 71 18.91 9.33 -25.49
CA LYS D 71 19.07 9.92 -24.17
C LYS D 71 19.96 9.02 -23.35
N LEU D 72 19.45 7.83 -23.02
CA LEU D 72 20.20 6.85 -22.25
C LEU D 72 21.13 6.18 -23.25
N GLY D 73 22.12 5.43 -22.77
CA GLY D 73 23.02 4.78 -23.71
C GLY D 73 22.31 3.71 -24.51
N SER D 74 22.75 2.48 -24.31
CA SER D 74 22.20 1.31 -24.97
C SER D 74 21.79 0.43 -23.81
N LYS D 75 21.32 1.08 -22.75
CA LYS D 75 20.89 0.42 -21.52
C LYS D 75 19.51 -0.23 -21.70
N TRP D 76 19.51 -1.44 -22.25
CA TRP D 76 18.28 -2.20 -22.52
C TRP D 76 17.53 -2.63 -21.27
N SER D 77 18.26 -3.17 -20.31
CA SER D 77 17.65 -3.61 -19.06
C SER D 77 16.66 -2.57 -18.58
N VAL D 78 16.99 -1.30 -18.83
CA VAL D 78 16.17 -0.18 -18.42
C VAL D 78 15.02 0.08 -19.37
N ILE D 79 15.30 0.26 -20.65
CA ILE D 79 14.24 0.53 -21.61
C ILE D 79 13.21 -0.59 -21.56
N ALA D 80 13.67 -1.81 -21.30
CA ALA D 80 12.75 -2.94 -21.22
C ALA D 80 11.86 -2.79 -20.01
N LYS D 81 12.25 -1.89 -19.10
CA LYS D 81 11.47 -1.62 -17.90
C LYS D 81 10.42 -0.59 -18.25
N LEU D 82 10.64 0.13 -19.33
CA LEU D 82 9.68 1.13 -19.76
C LEU D 82 8.66 0.45 -20.65
N ILE D 83 9.09 -0.10 -21.78
CA ILE D 83 8.15 -0.79 -22.66
C ILE D 83 7.61 -2.01 -21.95
N PRO D 84 6.32 -2.01 -21.63
CA PRO D 84 5.76 -3.17 -20.97
C PRO D 84 5.75 -4.35 -21.94
N GLY D 85 5.67 -5.56 -21.42
CA GLY D 85 5.64 -6.74 -22.26
C GLY D 85 6.90 -7.05 -23.06
N ARG D 86 7.78 -6.08 -23.25
CA ARG D 86 9.02 -6.31 -23.97
C ARG D 86 10.20 -6.43 -23.04
N THR D 87 11.09 -7.36 -23.37
CA THR D 87 12.29 -7.62 -22.61
C THR D 87 13.39 -6.77 -23.19
N ASP D 88 14.61 -6.93 -22.71
CA ASP D 88 15.72 -6.14 -23.21
C ASP D 88 16.37 -6.81 -24.39
N ASN D 89 16.14 -8.09 -24.56
CA ASN D 89 16.73 -8.76 -25.71
C ASN D 89 15.83 -8.44 -26.88
N ALA D 90 14.53 -8.43 -26.62
CA ALA D 90 13.58 -8.13 -27.66
C ALA D 90 13.84 -6.71 -28.15
N ILE D 91 14.10 -5.80 -27.21
CA ILE D 91 14.36 -4.40 -27.53
C ILE D 91 15.64 -4.34 -28.33
N LYS D 92 16.71 -4.87 -27.75
CA LYS D 92 18.03 -4.90 -28.35
C LYS D 92 17.94 -5.20 -29.86
N ASN D 93 17.52 -6.41 -30.20
CA ASN D 93 17.41 -6.81 -31.61
C ASN D 93 16.59 -5.82 -32.44
N ARG D 94 15.63 -5.14 -31.83
CA ARG D 94 14.83 -4.20 -32.58
C ARG D 94 15.74 -3.08 -33.08
N TRP D 95 16.54 -2.53 -32.19
CA TRP D 95 17.42 -1.43 -32.57
C TRP D 95 18.52 -1.77 -33.58
N ASN D 96 19.13 -2.94 -33.44
CA ASN D 96 20.19 -3.33 -34.34
C ASN D 96 19.67 -3.77 -35.71
N SER D 97 18.43 -4.27 -35.69
CA SER D 97 17.78 -4.77 -36.89
C SER D 97 16.97 -3.74 -37.69
N SER D 98 16.12 -2.99 -37.00
CA SER D 98 15.26 -2.02 -37.65
C SER D 98 15.60 -0.53 -37.50
N ILE D 99 15.75 -0.08 -36.26
CA ILE D 99 15.98 1.32 -35.95
C ILE D 99 17.29 2.02 -36.26
N SER D 100 18.43 1.47 -35.87
CA SER D 100 19.70 2.13 -36.16
C SER D 100 19.73 2.48 -37.64
N LYS D 101 18.87 1.78 -38.38
CA LYS D 101 18.74 1.95 -39.82
C LYS D 101 17.49 2.74 -40.20
N ARG D 102 17.08 3.70 -39.37
CA ARG D 102 15.91 4.48 -39.70
C ARG D 102 16.12 5.91 -39.26
N ILE D 103 17.31 6.20 -38.75
CA ILE D 103 17.64 7.54 -38.28
C ILE D 103 17.76 8.54 -39.41
N SER D 104 17.26 9.74 -39.17
CA SER D 104 17.29 10.84 -40.14
C SER D 104 17.81 12.04 -39.34
N THR D 105 17.96 13.18 -40.00
CA THR D 105 18.36 14.39 -39.30
C THR D 105 17.18 15.32 -39.61
N ASN D 106 16.93 16.30 -38.77
CA ASN D 106 15.75 17.14 -38.95
C ASN D 106 15.93 18.55 -39.52
N SER D 107 14.81 19.16 -39.94
CA SER D 107 14.79 20.58 -40.37
C SER D 107 15.09 21.19 -39.00
N ASN D 108 15.96 22.18 -38.93
CA ASN D 108 16.47 22.65 -37.63
C ASN D 108 16.90 21.32 -36.94
N HIS D 109 18.11 20.96 -37.36
CA HIS D 109 18.89 19.75 -37.06
C HIS D 109 18.90 19.08 -35.71
N LYS D 110 18.23 17.93 -35.63
CA LYS D 110 18.17 17.10 -34.44
C LYS D 110 17.62 15.78 -35.00
N GLU D 111 17.99 14.65 -34.41
CA GLU D 111 17.56 13.36 -34.93
C GLU D 111 16.13 12.90 -34.85
N ILE D 112 15.66 12.34 -35.95
CA ILE D 112 14.32 11.81 -36.01
C ILE D 112 14.31 10.41 -36.62
N LEU D 113 13.26 9.66 -36.31
CA LEU D 113 13.07 8.28 -36.73
C LEU D 113 12.12 8.12 -37.92
N LEU D 114 12.63 7.56 -39.00
CA LEU D 114 11.80 7.31 -40.17
C LEU D 114 10.91 6.12 -39.89
N PRO D 115 9.84 5.96 -40.66
CA PRO D 115 8.97 4.81 -40.44
C PRO D 115 9.67 3.65 -41.13
N ASP D 116 9.34 2.41 -40.81
CA ASP D 116 9.99 1.28 -41.50
C ASP D 116 9.17 0.70 -42.64
N ARG D 117 9.80 -0.19 -43.40
CA ARG D 117 9.13 -0.90 -44.49
C ARG D 117 9.10 -2.35 -43.96
N SER D 118 8.33 -3.25 -44.58
CA SER D 118 8.26 -4.63 -44.08
C SER D 118 8.15 -5.73 -45.14
N LYS D 119 7.94 -6.91 -44.74
N MET G 1 2.02 36.29 -9.51
CA MET G 1 2.16 35.78 -8.12
C MET G 1 3.26 34.73 -8.01
N LYS G 2 4.11 34.86 -7.01
CA LYS G 2 5.17 33.88 -6.81
C LYS G 2 5.07 33.34 -5.36
N GLY G 3 5.39 32.08 -5.16
CA GLY G 3 5.31 31.53 -3.81
C GLY G 3 4.48 30.26 -3.66
N PRO G 4 4.29 29.76 -2.42
CA PRO G 4 3.49 28.54 -2.22
C PRO G 4 2.02 28.74 -2.57
N PHE G 5 1.35 27.66 -2.95
CA PHE G 5 -0.05 27.73 -3.31
C PHE G 5 -0.95 27.63 -2.09
N THR G 6 -2.07 28.33 -2.15
CA THR G 6 -3.05 28.33 -1.07
C THR G 6 -4.14 27.33 -1.39
N GLU G 7 -4.77 26.78 -0.36
CA GLU G 7 -5.84 25.81 -0.53
C GLU G 7 -6.86 26.24 -1.59
N ALA G 8 -7.21 27.52 -1.59
CA ALA G 8 -8.15 28.06 -2.56
C ALA G 8 -7.57 27.93 -3.96
N GLU G 9 -6.27 28.21 -4.09
CA GLU G 9 -5.58 28.11 -5.37
C GLU G 9 -5.50 26.65 -5.78
N ASP G 10 -5.29 25.77 -4.81
CA ASP G 10 -5.24 24.35 -5.14
C ASP G 10 -6.58 23.92 -5.70
N ASP G 11 -7.66 24.41 -5.10
CA ASP G 11 -9.00 24.05 -5.54
C ASP G 11 -9.28 24.35 -7.00
N LEU G 12 -9.04 25.60 -7.42
CA LEU G 12 -9.28 25.98 -8.80
C LEU G 12 -8.42 25.13 -9.72
N ILE G 13 -7.24 24.76 -9.26
CA ILE G 13 -6.35 23.95 -10.06
C ILE G 13 -7.04 22.62 -10.26
N ARG G 14 -7.60 22.09 -9.19
CA ARG G 14 -8.28 20.82 -9.28
C ARG G 14 -9.52 20.95 -10.14
N GLU G 15 -10.29 22.02 -9.91
CA GLU G 15 -11.50 22.26 -10.68
C GLU G 15 -11.17 22.37 -12.16
N TYR G 16 -10.19 23.18 -12.48
CA TYR G 16 -9.81 23.33 -13.86
C TYR G 16 -9.54 21.98 -14.45
N VAL G 17 -8.56 21.29 -13.88
CA VAL G 17 -8.15 19.96 -14.37
C VAL G 17 -9.29 18.98 -14.60
N LYS G 18 -10.21 18.89 -13.64
CA LYS G 18 -11.32 17.97 -13.82
C LYS G 18 -12.21 18.43 -14.97
N GLU G 19 -12.35 19.73 -15.15
CA GLU G 19 -13.20 20.23 -16.22
C GLU G 19 -12.60 20.24 -17.62
N ASN G 20 -11.28 20.23 -17.71
CA ASN G 20 -10.66 20.27 -19.03
C ASN G 20 -9.57 19.24 -19.23
N GLY G 21 -9.33 18.43 -18.22
CA GLY G 21 -8.27 17.46 -18.31
C GLY G 21 -7.02 18.26 -18.02
N PRO G 22 -5.95 17.66 -17.54
CA PRO G 22 -4.77 18.50 -17.27
C PRO G 22 -4.01 18.79 -18.55
N GLN G 23 -4.47 19.76 -19.36
CA GLN G 23 -3.74 20.00 -20.59
C GLN G 23 -3.68 21.41 -21.16
N ASN G 24 -4.77 21.96 -21.65
CA ASN G 24 -4.60 23.28 -22.21
C ASN G 24 -4.44 24.36 -21.17
N TRP G 25 -3.33 24.23 -20.45
CA TRP G 25 -2.93 25.10 -19.35
C TRP G 25 -2.93 26.60 -19.59
N PRO G 26 -2.92 27.07 -20.85
CA PRO G 26 -2.94 28.53 -20.92
C PRO G 26 -4.36 29.05 -20.68
N ARG G 27 -5.32 28.14 -20.72
CA ARG G 27 -6.70 28.49 -20.51
C ARG G 27 -6.96 28.65 -19.03
N ILE G 28 -6.06 28.13 -18.20
CA ILE G 28 -6.21 28.20 -16.76
C ILE G 28 -5.98 29.58 -16.18
N THR G 29 -5.75 30.58 -17.04
CA THR G 29 -5.56 31.92 -16.53
C THR G 29 -6.90 32.54 -16.21
N SER G 30 -7.92 32.07 -16.95
CA SER G 30 -9.30 32.54 -16.79
C SER G 30 -9.53 32.59 -15.30
N PHE G 31 -9.18 31.50 -14.64
CA PHE G 31 -9.28 31.42 -13.19
C PHE G 31 -7.82 31.67 -12.82
N LEU G 32 -7.53 32.10 -11.60
CA LEU G 32 -6.11 32.33 -11.27
C LEU G 32 -5.43 33.19 -12.33
N PRO G 33 -5.84 34.45 -12.47
CA PRO G 33 -5.19 35.27 -13.47
C PRO G 33 -3.75 35.65 -13.10
N ASN G 34 -3.30 35.33 -11.89
CA ASN G 34 -1.94 35.70 -11.56
C ASN G 34 -0.94 34.59 -11.32
N ARG G 35 -1.25 33.42 -11.84
CA ARG G 35 -0.36 32.29 -11.74
C ARG G 35 -0.09 31.95 -13.20
N SER G 36 0.95 31.18 -13.50
CA SER G 36 1.23 30.88 -14.89
C SER G 36 1.08 29.43 -15.26
N PRO G 37 0.76 29.16 -16.52
CA PRO G 37 0.59 27.79 -17.02
C PRO G 37 1.74 26.95 -16.48
N LYS G 38 2.92 27.53 -16.51
CA LYS G 38 4.10 26.87 -16.00
C LYS G 38 3.78 26.49 -14.56
N GLN G 39 3.59 27.49 -13.71
CA GLN G 39 3.30 27.31 -12.29
C GLN G 39 2.16 26.38 -11.91
N CYS G 40 1.02 26.57 -12.54
CA CYS G 40 -0.12 25.73 -12.22
C CYS G 40 0.20 24.31 -12.63
N ARG G 41 0.66 24.13 -13.85
CA ARG G 41 0.98 22.80 -14.32
C ARG G 41 1.91 22.12 -13.33
N GLU G 42 2.95 22.83 -12.91
CA GLU G 42 3.92 22.27 -11.97
C GLU G 42 3.26 21.75 -10.70
N ARG G 43 2.40 22.59 -10.11
CA ARG G 43 1.69 22.26 -8.88
C ARG G 43 0.82 21.03 -9.04
N TRP G 44 0.13 20.95 -10.15
CA TRP G 44 -0.73 19.80 -10.37
C TRP G 44 0.06 18.50 -10.43
N PHE G 45 0.89 18.35 -11.44
CA PHE G 45 1.68 17.14 -11.63
C PHE G 45 2.54 16.70 -10.44
N ASN G 46 3.07 17.66 -9.71
CA ASN G 46 3.93 17.34 -8.58
C ASN G 46 3.31 17.31 -7.19
N HIS G 47 2.06 17.74 -7.04
CA HIS G 47 1.41 17.72 -5.72
C HIS G 47 -0.07 17.35 -5.66
N LEU G 48 -0.90 17.97 -6.50
CA LEU G 48 -2.33 17.73 -6.48
C LEU G 48 -2.80 16.50 -7.26
N ASP G 49 -1.86 15.78 -7.85
CA ASP G 49 -2.20 14.60 -8.65
C ASP G 49 -2.53 13.44 -7.74
N PRO G 50 -3.70 12.82 -7.95
CA PRO G 50 -4.07 11.68 -7.10
C PRO G 50 -2.96 10.64 -7.07
N ALA G 51 -2.30 10.48 -8.22
CA ALA G 51 -1.23 9.51 -8.39
C ALA G 51 -0.03 9.74 -7.48
N VAL G 52 0.35 10.99 -7.29
CA VAL G 52 1.52 11.25 -6.47
C VAL G 52 1.34 10.69 -5.09
N VAL G 53 2.13 9.68 -4.79
CA VAL G 53 2.09 9.02 -3.49
C VAL G 53 2.62 10.01 -2.46
N LYS G 54 2.71 9.59 -1.21
CA LYS G 54 3.15 10.50 -0.15
C LYS G 54 4.09 9.92 0.91
N HIS G 55 3.90 8.64 1.25
CA HIS G 55 4.68 7.98 2.28
C HIS G 55 6.18 8.23 2.32
N ALA G 56 6.75 8.10 3.51
CA ALA G 56 8.17 8.29 3.73
C ALA G 56 9.00 7.42 2.77
N TRP G 57 10.19 7.91 2.43
CA TRP G 57 11.07 7.22 1.52
C TRP G 57 11.46 5.84 2.00
N THR G 58 10.90 4.80 1.40
CA THR G 58 11.24 3.46 1.82
C THR G 58 12.69 3.20 1.44
N PRO G 59 13.45 2.49 2.28
CA PRO G 59 14.83 2.26 1.86
C PRO G 59 14.73 1.53 0.54
N GLU G 60 13.63 0.82 0.36
CA GLU G 60 13.38 0.07 -0.86
C GLU G 60 13.37 0.99 -2.06
N GLU G 61 12.89 2.21 -1.88
CA GLU G 61 12.85 3.17 -2.95
C GLU G 61 14.23 3.75 -3.18
N ASP G 62 14.78 4.31 -2.12
CA ASP G 62 16.10 4.92 -2.15
C ASP G 62 17.07 4.09 -2.97
N GLU G 63 17.02 2.77 -2.80
CA GLU G 63 17.91 1.88 -3.53
C GLU G 63 17.73 1.99 -5.05
N THR G 64 16.48 2.11 -5.48
CA THR G 64 16.22 2.23 -6.89
C THR G 64 16.87 3.48 -7.43
N ILE G 65 16.63 4.59 -6.76
CA ILE G 65 17.16 5.88 -7.17
C ILE G 65 18.68 5.88 -7.21
N PHE G 66 19.26 5.23 -6.22
CA PHE G 66 20.69 5.15 -6.10
C PHE G 66 21.27 4.33 -7.25
N ARG G 67 20.98 3.03 -7.25
CA ARG G 67 21.50 2.17 -8.30
C ARG G 67 21.28 2.71 -9.70
N ASN G 68 20.08 3.22 -9.98
CA ASN G 68 19.79 3.76 -11.30
C ASN G 68 20.51 5.06 -11.54
N TYR G 69 20.94 5.73 -10.47
CA TYR G 69 21.65 7.00 -10.64
C TYR G 69 23.06 6.69 -11.04
N LEU G 70 23.53 5.52 -10.64
CA LEU G 70 24.86 5.14 -10.99
C LEU G 70 24.81 4.86 -12.47
N LYS G 71 23.94 3.95 -12.90
CA LYS G 71 23.79 3.61 -14.32
C LYS G 71 23.62 4.85 -15.18
N LEU G 72 22.49 5.51 -14.98
CA LEU G 72 22.12 6.71 -15.72
C LEU G 72 22.51 7.88 -14.85
N GLY G 73 23.04 8.95 -15.44
CA GLY G 73 23.44 10.08 -14.63
C GLY G 73 22.30 10.60 -13.78
N SER G 74 22.00 11.89 -13.92
CA SER G 74 20.90 12.48 -13.18
C SER G 74 19.78 12.66 -14.20
N LYS G 75 19.27 11.54 -14.70
CA LYS G 75 18.18 11.56 -15.65
C LYS G 75 16.97 11.13 -14.82
N TRP G 76 16.33 12.09 -14.18
CA TRP G 76 15.19 11.77 -13.33
C TRP G 76 13.88 11.55 -14.03
N SER G 77 13.64 12.22 -15.14
CA SER G 77 12.38 12.01 -15.82
C SER G 77 12.17 10.50 -15.99
N VAL G 78 13.27 9.75 -16.09
CA VAL G 78 13.23 8.31 -16.25
C VAL G 78 13.28 7.50 -14.96
N ILE G 79 14.10 7.92 -14.00
CA ILE G 79 14.14 7.20 -12.73
C ILE G 79 12.72 7.20 -12.22
N ALA G 80 12.04 8.32 -12.47
CA ALA G 80 10.66 8.56 -12.08
C ALA G 80 9.73 7.51 -12.66
N LYS G 81 9.85 7.27 -13.96
CA LYS G 81 9.02 6.26 -14.60
C LYS G 81 9.30 4.85 -14.04
N LEU G 82 10.28 4.74 -13.15
CA LEU G 82 10.62 3.45 -12.57
C LEU G 82 10.16 3.33 -11.13
N ILE G 83 10.02 4.46 -10.45
CA ILE G 83 9.56 4.47 -9.07
C ILE G 83 8.14 5.05 -9.09
N PRO G 84 7.12 4.19 -9.06
CA PRO G 84 5.74 4.68 -9.10
C PRO G 84 5.37 5.69 -8.01
N GLY G 85 4.37 6.50 -8.32
CA GLY G 85 3.91 7.50 -7.38
C GLY G 85 4.92 8.59 -7.16
N ARG G 86 6.18 8.33 -7.47
CA ARG G 86 7.18 9.36 -7.27
C ARG G 86 7.34 10.18 -8.52
N THR G 87 7.35 11.49 -8.30
CA THR G 87 7.49 12.43 -9.37
C THR G 87 8.97 12.59 -9.67
N ASP G 88 9.31 13.28 -10.75
CA ASP G 88 10.72 13.46 -11.09
C ASP G 88 11.39 14.47 -10.17
N ASN G 89 10.65 15.50 -9.78
CA ASN G 89 11.19 16.52 -8.88
C ASN G 89 11.56 15.90 -7.52
N ALA G 90 10.69 15.04 -7.02
CA ALA G 90 10.87 14.38 -5.73
C ALA G 90 12.17 13.59 -5.69
N ILE G 91 12.39 12.75 -6.69
CA ILE G 91 13.61 11.95 -6.78
C ILE G 91 14.78 12.91 -6.61
N LYS G 92 14.81 13.95 -7.42
CA LYS G 92 15.84 14.98 -7.37
C LYS G 92 16.01 15.37 -5.93
N ASN G 93 14.96 15.92 -5.34
CA ASN G 93 15.03 16.32 -3.95
C ASN G 93 15.60 15.22 -3.07
N ARG G 94 15.23 13.98 -3.33
CA ARG G 94 15.72 12.88 -2.51
C ARG G 94 17.19 12.71 -2.66
N TRP G 95 17.64 12.50 -3.89
CA TRP G 95 19.06 12.34 -4.09
C TRP G 95 19.86 13.53 -3.53
N ASN G 96 19.42 14.76 -3.80
CA ASN G 96 20.14 15.93 -3.32
C ASN G 96 20.17 16.16 -1.80
N SER G 97 19.07 15.91 -1.10
CA SER G 97 19.12 16.16 0.33
C SER G 97 19.56 14.94 1.14
N SER G 98 19.20 13.74 0.71
CA SER G 98 19.56 12.56 1.50
C SER G 98 20.46 11.50 0.90
N ILE G 99 19.94 10.80 -0.11
CA ILE G 99 20.67 9.73 -0.77
C ILE G 99 22.06 10.10 -1.27
N SER G 100 22.31 11.39 -1.42
CA SER G 100 23.60 11.88 -1.91
C SER G 100 24.76 11.73 -0.93
N LYS G 101 24.49 11.83 0.36
CA LYS G 101 25.56 11.70 1.35
C LYS G 101 25.32 10.51 2.27
N ARG G 102 25.28 9.32 1.67
CA ARG G 102 25.04 8.07 2.39
C ARG G 102 25.66 6.95 1.55
N ILE G 103 26.46 7.34 0.56
CA ILE G 103 27.16 6.38 -0.30
C ILE G 103 28.20 5.70 0.56
N SER G 104 28.81 4.64 0.05
CA SER G 104 29.84 3.97 0.83
C SER G 104 30.62 2.97 0.00
N THR G 105 31.54 2.27 0.66
CA THR G 105 32.34 1.27 -0.02
C THR G 105 31.85 -0.13 0.27
N ASN G 106 32.47 -1.09 -0.41
CA ASN G 106 32.11 -2.48 -0.30
C ASN G 106 33.39 -3.24 0.04
N SER G 107 33.28 -4.51 0.44
CA SER G 107 34.50 -5.28 0.73
C SER G 107 35.29 -5.37 -0.57
N ASN G 108 34.56 -5.45 -1.69
CA ASN G 108 35.14 -5.52 -3.03
C ASN G 108 35.26 -4.10 -3.57
N HIS G 109 35.25 -3.14 -2.64
CA HIS G 109 35.38 -1.71 -2.91
C HIS G 109 34.50 -1.18 -4.03
N LYS G 110 33.21 -1.14 -3.76
CA LYS G 110 32.25 -0.63 -4.72
C LYS G 110 31.11 0.02 -3.95
N GLU G 111 30.67 1.18 -4.44
CA GLU G 111 29.60 1.92 -3.78
C GLU G 111 28.37 1.16 -3.33
N ILE G 112 28.01 1.42 -2.08
CA ILE G 112 26.84 0.81 -1.48
C ILE G 112 26.04 1.94 -0.83
N LEU G 113 24.86 1.63 -0.28
CA LEU G 113 24.00 2.66 0.32
C LEU G 113 23.80 2.53 1.83
N LEU G 114 24.12 3.60 2.56
CA LEU G 114 23.98 3.58 4.01
C LEU G 114 22.63 4.16 4.43
N PRO G 115 21.92 3.49 5.34
CA PRO G 115 20.62 4.01 5.80
C PRO G 115 20.73 5.45 6.38
N ASP G 116 19.61 6.10 6.68
CA ASP G 116 19.66 7.47 7.22
C ASP G 116 19.30 7.54 8.69
N ARG G 117 19.80 8.55 9.38
CA ARG G 117 19.52 8.74 10.80
C ARG G 117 18.10 9.27 11.03
N SER G 118 17.75 9.51 12.30
CA SER G 118 16.43 10.00 12.69
C SER G 118 15.90 11.25 11.93
N LYS G 119 16.61 11.77 11.03
N MET J 1 -5.21 -7.10 5.85
CA MET J 1 -5.31 -7.35 4.40
C MET J 1 -5.99 -8.70 4.25
N LYS J 2 -7.24 -8.68 3.84
CA LYS J 2 -7.97 -9.93 3.65
C LYS J 2 -7.42 -10.68 2.43
N GLY J 3 -7.63 -11.99 2.40
CA GLY J 3 -7.20 -12.75 1.25
C GLY J 3 -6.10 -13.77 1.42
N PRO J 4 -5.94 -14.68 0.44
CA PRO J 4 -4.90 -15.69 0.53
C PRO J 4 -3.47 -15.19 0.73
N PHE J 5 -2.68 -16.02 1.39
CA PHE J 5 -1.30 -15.73 1.69
C PHE J 5 -0.42 -15.96 0.48
N THR J 6 0.44 -15.00 0.17
CA THR J 6 1.36 -15.17 -0.95
C THR J 6 2.67 -15.72 -0.36
N GLU J 7 3.40 -16.49 -1.15
CA GLU J 7 4.66 -17.08 -0.69
C GLU J 7 5.60 -16.02 -0.08
N ALA J 8 5.22 -14.75 -0.25
CA ALA J 8 5.99 -13.63 0.28
C ALA J 8 5.65 -13.51 1.76
N GLU J 9 4.35 -13.54 2.04
CA GLU J 9 3.82 -13.46 3.40
C GLU J 9 4.16 -14.75 4.14
N ASP J 10 3.86 -15.89 3.54
CA ASP J 10 4.17 -17.15 4.20
C ASP J 10 5.57 -17.07 4.75
N ASP J 11 6.56 -17.02 3.85
CA ASP J 11 7.95 -16.98 4.24
C ASP J 11 8.25 -16.12 5.46
N LEU J 12 7.51 -15.02 5.60
CA LEU J 12 7.70 -14.13 6.75
C LEU J 12 7.13 -14.72 8.03
N ILE J 13 6.17 -15.63 7.89
CA ILE J 13 5.57 -16.29 9.04
C ILE J 13 6.63 -17.28 9.52
N ARG J 14 7.09 -18.13 8.61
CA ARG J 14 8.12 -19.14 8.93
C ARG J 14 9.27 -18.43 9.60
N GLU J 15 9.46 -17.18 9.17
CA GLU J 15 10.49 -16.30 9.66
C GLU J 15 10.29 -15.97 11.14
N TYR J 16 9.21 -15.24 11.45
CA TYR J 16 8.96 -14.87 12.85
C TYR J 16 8.89 -16.11 13.71
N VAL J 17 8.32 -17.18 13.18
CA VAL J 17 8.23 -18.37 14.00
C VAL J 17 9.59 -18.90 14.36
N LYS J 18 10.50 -19.00 13.39
CA LYS J 18 11.80 -19.53 13.71
C LYS J 18 12.51 -18.68 14.77
N GLU J 19 12.30 -17.37 14.72
CA GLU J 19 12.95 -16.47 15.66
C GLU J 19 12.35 -16.41 17.07
N ASN J 20 11.03 -16.31 17.17
CA ASN J 20 10.42 -16.25 18.50
C ASN J 20 9.52 -17.44 18.77
N GLY J 21 9.66 -18.47 17.94
CA GLY J 21 8.83 -19.65 18.09
C GLY J 21 7.46 -19.26 17.61
N PRO J 22 6.45 -20.12 17.75
CA PRO J 22 5.13 -19.72 17.27
C PRO J 22 4.20 -19.38 18.43
N GLN J 23 4.44 -18.26 19.11
CA GLN J 23 3.56 -17.93 20.23
C GLN J 23 3.13 -16.47 20.44
N ASN J 24 4.04 -15.50 20.51
CA ASN J 24 3.58 -14.13 20.75
C ASN J 24 3.13 -13.40 19.50
N TRP J 25 2.06 -13.89 18.90
CA TRP J 25 1.53 -13.32 17.69
C TRP J 25 1.35 -11.81 17.71
N PRO J 26 1.13 -11.23 18.88
CA PRO J 26 0.97 -9.78 18.83
C PRO J 26 2.17 -9.05 18.20
N ARG J 27 3.37 -9.47 18.55
CA ARG J 27 4.56 -8.84 18.01
C ARG J 27 4.84 -9.22 16.57
N ILE J 28 4.01 -10.06 15.97
CA ILE J 28 4.26 -10.41 14.58
C ILE J 28 3.97 -9.23 13.67
N THR J 29 3.20 -8.24 14.15
CA THR J 29 2.90 -7.06 13.34
C THR J 29 4.19 -6.34 13.01
N SER J 30 5.24 -6.68 13.74
CA SER J 30 6.57 -6.11 13.51
C SER J 30 6.82 -6.47 12.06
N PHE J 31 6.66 -7.75 11.72
CA PHE J 31 6.79 -8.19 10.33
C PHE J 31 5.32 -8.11 9.89
N LEU J 32 5.04 -8.24 8.60
CA LEU J 32 3.64 -8.22 8.17
C LEU J 32 2.75 -7.25 8.98
N PRO J 33 2.87 -5.96 8.75
CA PRO J 33 2.00 -5.09 9.54
C PRO J 33 0.59 -5.00 8.94
N ASN J 34 0.39 -5.64 7.79
CA ASN J 34 -0.93 -5.65 7.16
C ASN J 34 -1.56 -7.01 7.25
N ARG J 35 -1.18 -7.74 8.28
CA ARG J 35 -1.72 -9.05 8.49
C ARG J 35 -1.87 -9.13 9.99
N SER J 36 -3.06 -9.44 10.48
CA SER J 36 -3.33 -9.52 11.89
C SER J 36 -2.74 -10.77 12.52
N PRO J 37 -2.34 -10.71 13.79
CA PRO J 37 -1.77 -11.86 14.50
C PRO J 37 -2.76 -13.02 14.34
N LYS J 38 -4.03 -12.67 14.44
CA LYS J 38 -5.13 -13.61 14.32
C LYS J 38 -5.02 -14.40 13.03
N GLN J 39 -4.81 -13.72 11.90
CA GLN J 39 -4.73 -14.42 10.62
C GLN J 39 -3.39 -15.10 10.34
N CYS J 40 -2.30 -14.47 10.74
CA CYS J 40 -0.99 -15.05 10.52
C CYS J 40 -0.94 -16.37 11.28
N ARG J 41 -1.32 -16.34 12.57
CA ARG J 41 -1.35 -17.55 13.42
C ARG J 41 -1.99 -18.71 12.66
N GLU J 42 -3.22 -18.47 12.22
CA GLU J 42 -3.99 -19.46 11.48
C GLU J 42 -3.15 -20.06 10.35
N ARG J 43 -2.77 -19.24 9.38
CA ARG J 43 -1.97 -19.66 8.23
C ARG J 43 -0.87 -20.63 8.64
N TRP J 44 -0.26 -20.37 9.80
CA TRP J 44 0.80 -21.20 10.28
C TRP J 44 0.31 -22.56 10.77
N PHE J 45 -0.44 -22.58 11.85
CA PHE J 45 -0.93 -23.82 12.42
C PHE J 45 -1.65 -24.71 11.43
N ASN J 46 -2.40 -24.10 10.52
CA ASN J 46 -3.16 -24.89 9.58
C ASN J 46 -2.58 -25.13 8.21
N HIS J 47 -1.56 -24.39 7.81
CA HIS J 47 -1.00 -24.64 6.49
C HIS J 47 0.53 -24.66 6.40
N LEU J 48 1.22 -23.99 7.32
CA LEU J 48 2.69 -23.95 7.25
C LEU J 48 3.49 -24.80 8.24
N ASP J 49 2.90 -25.17 9.37
CA ASP J 49 3.59 -25.99 10.36
C ASP J 49 3.94 -27.33 9.74
N PRO J 50 5.19 -27.75 9.91
CA PRO J 50 5.64 -29.03 9.36
C PRO J 50 4.77 -30.19 9.78
N ALA J 51 4.12 -30.04 10.92
CA ALA J 51 3.27 -31.10 11.44
C ALA J 51 2.08 -31.40 10.55
N VAL J 52 1.56 -30.39 9.86
CA VAL J 52 0.39 -30.64 9.02
C VAL J 52 0.72 -31.57 7.89
N VAL J 53 -0.05 -32.64 7.79
CA VAL J 53 0.15 -33.61 6.74
C VAL J 53 -0.55 -33.07 5.48
N LYS J 54 -0.08 -33.47 4.30
CA LYS J 54 -0.68 -33.01 3.06
C LYS J 54 -1.04 -34.06 1.99
N HIS J 55 -0.84 -35.33 2.29
CA HIS J 55 -1.17 -36.37 1.33
C HIS J 55 -2.69 -36.52 1.35
N ALA J 56 -3.26 -37.07 0.29
CA ALA J 56 -4.71 -37.23 0.22
C ALA J 56 -5.26 -37.85 1.50
N TRP J 57 -6.57 -37.78 1.67
CA TRP J 57 -7.18 -38.36 2.87
C TRP J 57 -7.14 -39.87 2.73
N THR J 58 -6.73 -40.56 3.80
CA THR J 58 -6.66 -42.01 3.73
C THR J 58 -7.98 -42.54 4.25
N PRO J 59 -8.51 -43.62 3.65
CA PRO J 59 -9.78 -44.14 4.16
C PRO J 59 -9.77 -44.34 5.68
N GLU J 60 -8.70 -44.91 6.19
CA GLU J 60 -8.54 -45.15 7.62
C GLU J 60 -8.83 -43.87 8.40
N GLU J 61 -8.29 -42.75 7.92
CA GLU J 61 -8.50 -41.48 8.58
C GLU J 61 -9.99 -41.18 8.53
N ASP J 62 -10.56 -41.24 7.33
CA ASP J 62 -11.98 -40.96 7.18
C ASP J 62 -12.82 -41.68 8.22
N GLU J 63 -12.54 -42.95 8.44
CA GLU J 63 -13.31 -43.72 9.40
C GLU J 63 -13.18 -43.11 10.80
N THR J 64 -11.98 -42.70 11.16
CA THR J 64 -11.76 -42.11 12.47
C THR J 64 -12.62 -40.90 12.72
N ILE J 65 -12.81 -40.09 11.67
CA ILE J 65 -13.60 -38.89 11.79
C ILE J 65 -15.06 -39.21 11.86
N PHE J 66 -15.44 -40.22 11.10
CA PHE J 66 -16.81 -40.66 11.03
C PHE J 66 -17.28 -41.25 12.34
N ARG J 67 -16.67 -42.36 12.73
CA ARG J 67 -17.07 -43.02 13.97
C ARG J 67 -17.01 -42.04 15.13
N ASN J 68 -16.22 -40.99 14.99
CA ASN J 68 -16.08 -40.02 16.07
C ASN J 68 -17.10 -38.90 16.07
N TYR J 69 -17.53 -38.44 14.90
CA TYR J 69 -18.51 -37.38 14.85
C TYR J 69 -19.85 -37.96 15.21
N LEU J 70 -20.02 -39.26 15.02
CA LEU J 70 -21.27 -39.88 15.39
C LEU J 70 -21.28 -39.88 16.90
N LYS J 71 -20.24 -40.49 17.46
CA LYS J 71 -20.04 -40.62 18.89
C LYS J 71 -20.09 -39.27 19.55
N LEU J 72 -19.06 -38.48 19.30
CA LEU J 72 -18.98 -37.13 19.86
C LEU J 72 -19.71 -36.16 18.94
N GLY J 73 -19.81 -34.90 19.33
CA GLY J 73 -20.52 -34.00 18.45
C GLY J 73 -19.67 -33.61 17.24
N SER J 74 -19.61 -32.31 17.01
CA SER J 74 -18.84 -31.71 15.93
C SER J 74 -17.68 -31.11 16.70
N LYS J 75 -17.21 -31.85 17.70
CA LYS J 75 -16.13 -31.41 18.55
C LYS J 75 -14.80 -31.67 17.86
N TRP J 76 -14.54 -30.87 16.82
CA TRP J 76 -13.35 -31.01 16.02
C TRP J 76 -12.02 -30.73 16.68
N SER J 77 -11.95 -29.73 17.56
CA SER J 77 -10.68 -29.46 18.22
C SER J 77 -10.25 -30.74 18.91
N VAL J 78 -11.18 -31.69 19.07
CA VAL J 78 -10.91 -32.96 19.72
C VAL J 78 -10.54 -34.04 18.73
N ILE J 79 -11.36 -34.20 17.70
CA ILE J 79 -11.09 -35.20 16.67
C ILE J 79 -9.66 -34.94 16.19
N ALA J 80 -9.31 -33.66 16.08
CA ALA J 80 -7.99 -33.23 15.64
C ALA J 80 -6.86 -33.88 16.43
N LYS J 81 -7.05 -34.04 17.73
CA LYS J 81 -6.04 -34.65 18.57
C LYS J 81 -6.02 -36.16 18.40
N LEU J 82 -6.95 -36.67 17.61
CA LEU J 82 -7.04 -38.09 17.40
C LEU J 82 -6.42 -38.50 16.08
N ILE J 83 -6.24 -37.56 15.18
CA ILE J 83 -5.61 -37.87 13.90
C ILE J 83 -4.39 -36.99 13.76
N PRO J 84 -3.20 -37.57 13.87
CA PRO J 84 -2.05 -36.69 13.73
C PRO J 84 -2.01 -35.99 12.37
N GLY J 85 -1.29 -34.87 12.31
CA GLY J 85 -1.16 -34.12 11.08
C GLY J 85 -2.38 -33.37 10.64
N ARG J 86 -3.54 -33.77 11.13
CA ARG J 86 -4.77 -33.11 10.72
C ARG J 86 -5.26 -32.08 11.74
N THR J 87 -5.47 -30.87 11.24
CA THR J 87 -5.89 -29.74 12.05
C THR J 87 -7.41 -29.63 12.24
N ASP J 88 -7.85 -28.94 13.29
CA ASP J 88 -9.27 -28.83 13.54
C ASP J 88 -10.09 -28.29 12.36
N ASN J 89 -9.42 -27.61 11.44
CA ASN J 89 -10.12 -27.05 10.29
C ASN J 89 -10.17 -28.10 9.19
N ALA J 90 -9.06 -28.80 9.02
CA ALA J 90 -8.94 -29.84 8.01
C ALA J 90 -10.03 -30.88 8.18
N ILE J 91 -10.10 -31.47 9.37
CA ILE J 91 -11.11 -32.47 9.67
C ILE J 91 -12.45 -31.91 9.25
N LYS J 92 -12.88 -30.83 9.90
CA LYS J 92 -14.14 -30.15 9.60
C LYS J 92 -14.38 -30.11 8.09
N ASN J 93 -13.53 -29.40 7.35
CA ASN J 93 -13.69 -29.34 5.90
C ASN J 93 -13.91 -30.74 5.30
N ARG J 94 -13.22 -31.74 5.84
CA ARG J 94 -13.34 -33.08 5.33
C ARG J 94 -14.74 -33.58 5.53
N TRP J 95 -15.28 -33.32 6.69
CA TRP J 95 -16.61 -33.77 7.01
C TRP J 95 -17.68 -33.08 6.17
N ASN J 96 -17.73 -31.75 6.23
CA ASN J 96 -18.76 -31.03 5.52
C ASN J 96 -18.76 -31.17 4.00
N SER J 97 -17.65 -31.55 3.41
CA SER J 97 -17.60 -31.70 1.96
C SER J 97 -17.63 -33.14 1.48
N SER J 98 -16.85 -34.00 2.11
CA SER J 98 -16.83 -35.37 1.66
C SER J 98 -17.60 -36.37 2.50
N ILE J 99 -17.15 -36.58 3.72
CA ILE J 99 -17.80 -37.57 4.57
C ILE J 99 -19.28 -37.38 4.81
N SER J 100 -19.66 -36.21 5.30
CA SER J 100 -21.08 -35.95 5.61
C SER J 100 -22.06 -36.33 4.51
N LYS J 101 -21.59 -36.50 3.29
CA LYS J 101 -22.52 -36.86 2.25
C LYS J 101 -22.19 -38.15 1.51
N ARG J 102 -21.93 -39.19 2.29
CA ARG J 102 -21.70 -40.50 1.73
C ARG J 102 -21.83 -41.55 2.82
N ILE J 103 -22.65 -41.23 3.82
CA ILE J 103 -22.93 -42.17 4.90
C ILE J 103 -24.05 -43.03 4.34
N SER J 104 -24.36 -44.13 5.00
CA SER J 104 -25.43 -45.00 4.54
C SER J 104 -25.83 -45.99 5.61
N THR J 105 -26.84 -46.79 5.29
CA THR J 105 -27.39 -47.77 6.22
C THR J 105 -26.96 -49.22 6.00
N ASN J 106 -26.85 -49.99 7.09
CA ASN J 106 -26.52 -51.40 6.95
C ASN J 106 -27.59 -52.34 7.54
N SER J 107 -27.48 -53.64 7.30
CA SER J 107 -28.46 -54.62 7.81
C SER J 107 -29.05 -54.51 9.20
N ASN J 108 -28.25 -54.16 10.20
CA ASN J 108 -28.79 -54.07 11.56
C ASN J 108 -29.24 -52.65 11.75
N HIS J 109 -29.34 -51.96 10.60
CA HIS J 109 -29.71 -50.52 10.42
C HIS J 109 -28.93 -49.56 11.34
N LYS J 110 -27.63 -49.45 11.06
CA LYS J 110 -26.66 -48.62 11.77
C LYS J 110 -25.99 -47.99 10.56
N GLU J 111 -25.34 -46.86 10.75
CA GLU J 111 -24.71 -46.20 9.62
C GLU J 111 -23.33 -46.73 9.31
N ILE J 112 -22.91 -46.53 8.06
CA ILE J 112 -21.60 -46.94 7.62
C ILE J 112 -21.13 -46.01 6.50
N LEU J 113 -19.82 -45.78 6.43
CA LEU J 113 -19.23 -44.88 5.44
C LEU J 113 -18.90 -45.55 4.13
N LEU J 114 -19.40 -44.99 3.03
CA LEU J 114 -19.12 -45.53 1.70
C LEU J 114 -17.76 -44.97 1.31
N PRO J 115 -17.05 -45.62 0.39
CA PRO J 115 -15.73 -45.16 -0.06
C PRO J 115 -15.77 -43.79 -0.71
N ASP J 116 -14.65 -43.36 -1.30
CA ASP J 116 -14.60 -42.07 -1.99
C ASP J 116 -14.59 -42.36 -3.48
N ARG J 117 -15.38 -41.64 -4.25
CA ARG J 117 -15.46 -41.91 -5.69
C ARG J 117 -14.47 -41.17 -6.58
N SER J 118 -13.52 -41.93 -7.16
CA SER J 118 -12.49 -41.38 -8.07
C SER J 118 -11.80 -42.51 -8.89
N LYS J 119 -11.06 -42.12 -9.93
CA LYS J 119 -10.27 -43.04 -10.79
C LYS J 119 -10.56 -43.24 -12.28
N LYS J 120 -9.58 -43.57 -13.01
#